data_5PO6
#
_entry.id   5PO6
#
_cell.length_a   55.390
_cell.length_b   56.230
_cell.length_c   101.890
_cell.angle_alpha   90.000
_cell.angle_beta   90.000
_cell.angle_gamma   90.000
#
_symmetry.space_group_name_H-M   'P 21 21 21'
#
loop_
_entity.id
_entity.type
_entity.pdbx_description
1 polymer 'Bromodomain-containing protein 1'
2 non-polymer 1,2-ETHANEDIOL
3 non-polymer 4-(4-bromophenyl)-1H-pyrazol-3-amine
4 non-polymer 'SODIUM ION'
5 water water
#
_entity_poly.entity_id   1
_entity_poly.type   'polypeptide(L)'
_entity_poly.pdbx_seq_one_letter_code
;MHHHHHHSSGVDLGTENLYFQSMEQVAMELRLTELTRLLRSVLDQLQDKDPARIFAQPVSLKEVPDYLDHIKHPMDFATM
RKRLEAQGYKNLHEFEEDFDLIIDNCMKYNARDTVFYRAAVRLRDQGGVVLRQARREVDSIGLEEASGMHLPERPA
;
_entity_poly.pdbx_strand_id   A,B
#
# COMPACT_ATOMS: atom_id res chain seq x y z
N SER A 22 34.68 -6.11 11.37
CA SER A 22 35.29 -6.42 10.09
C SER A 22 35.34 -5.18 9.20
N MET A 23 36.23 -5.18 8.23
CA MET A 23 36.33 -4.07 7.30
CA MET A 23 36.33 -4.06 7.29
C MET A 23 35.08 -4.02 6.41
N GLU A 24 34.58 -5.19 6.03
CA GLU A 24 33.36 -5.27 5.22
C GLU A 24 32.18 -4.59 5.92
N GLN A 25 32.05 -4.81 7.23
CA GLN A 25 30.96 -4.21 8.00
C GLN A 25 31.08 -2.69 8.01
N VAL A 26 32.30 -2.17 8.21
CA VAL A 26 32.54 -0.73 8.13
C VAL A 26 32.15 -0.14 6.78
N ALA A 27 32.49 -0.86 5.71
CA ALA A 27 32.18 -0.39 4.37
C ALA A 27 30.67 -0.31 4.17
N MET A 28 29.97 -1.33 4.63
CA MET A 28 28.50 -1.36 4.59
C MET A 28 27.92 -0.17 5.35
N GLU A 29 28.52 0.10 6.51
CA GLU A 29 28.06 1.22 7.34
C GLU A 29 28.34 2.57 6.68
N LEU A 30 29.43 2.65 5.92
CA LEU A 30 29.71 3.88 5.20
C LEU A 30 28.68 4.11 4.10
N ARG A 31 28.31 3.03 3.42
CA ARG A 31 27.30 3.09 2.37
C ARG A 31 25.97 3.56 2.95
N LEU A 32 25.59 3.02 4.11
CA LEU A 32 24.35 3.41 4.77
C LEU A 32 24.39 4.89 5.16
N THR A 33 25.53 5.35 5.67
CA THR A 33 25.68 6.74 6.06
C THR A 33 25.56 7.66 4.85
N GLU A 34 26.07 7.21 3.71
CA GLU A 34 25.97 7.94 2.46
C GLU A 34 24.53 8.01 1.98
N LEU A 35 23.84 6.88 2.05
CA LEU A 35 22.43 6.84 1.66
C LEU A 35 21.62 7.79 2.55
N THR A 36 21.91 7.76 3.84
CA THR A 36 21.22 8.60 4.81
C THR A 36 21.42 10.08 4.49
N ARG A 37 22.63 10.44 4.06
CA ARG A 37 22.90 11.83 3.66
C ARG A 37 22.08 12.23 2.43
N LEU A 38 21.97 11.33 1.47
CA LEU A 38 21.19 11.59 0.26
C LEU A 38 19.71 11.70 0.60
N LEU A 39 19.21 10.78 1.42
CA LEU A 39 17.79 10.78 1.80
C LEU A 39 17.44 12.01 2.65
N ARG A 40 18.40 12.51 3.43
CA ARG A 40 18.13 13.74 4.17
C ARG A 40 17.89 14.90 3.22
N SER A 41 18.68 14.98 2.15
CA SER A 41 18.49 15.99 1.12
C SER A 41 17.13 15.83 0.42
N VAL A 42 16.81 14.59 0.05
CA VAL A 42 15.51 14.30 -0.57
C VAL A 42 14.36 14.69 0.37
N LEU A 43 14.49 14.36 1.66
CA LEU A 43 13.43 14.67 2.62
C LEU A 43 13.23 16.18 2.75
N ASP A 44 14.33 16.92 2.77
CA ASP A 44 14.22 18.38 2.85
C ASP A 44 13.51 18.94 1.62
N GLN A 45 13.86 18.42 0.45
CA GLN A 45 13.24 18.87 -0.79
C GLN A 45 11.75 18.53 -0.83
N LEU A 46 11.38 17.35 -0.36
CA LEU A 46 9.98 16.95 -0.35
C LEU A 46 9.17 17.79 0.61
N GLN A 47 9.73 18.07 1.78
CA GLN A 47 9.02 18.84 2.80
C GLN A 47 8.84 20.30 2.35
N ASP A 48 9.74 20.79 1.49
CA ASP A 48 9.59 22.12 0.94
C ASP A 48 8.36 22.24 0.04
N LYS A 49 7.88 21.09 -0.46
CA LYS A 49 6.67 21.08 -1.28
C LYS A 49 5.41 21.04 -0.40
N ASP A 50 5.59 21.17 0.91
CA ASP A 50 4.47 21.22 1.87
C ASP A 50 4.57 22.51 2.66
N PRO A 51 4.40 23.65 1.97
CA PRO A 51 4.67 24.90 2.67
C PRO A 51 3.64 25.19 3.77
N ALA A 52 2.46 24.57 3.69
CA ALA A 52 1.46 24.73 4.74
C ALA A 52 1.78 23.92 6.01
N ARG A 53 2.77 23.04 5.92
CA ARG A 53 3.17 22.14 7.03
C ARG A 53 2.02 21.26 7.49
N ILE A 54 1.18 20.88 6.54
CA ILE A 54 0.08 19.97 6.82
C ILE A 54 0.59 18.58 7.22
N PHE A 55 1.75 18.19 6.68
CA PHE A 55 2.27 16.85 6.89
C PHE A 55 3.49 16.80 7.79
N ALA A 56 3.74 17.91 8.49
CA ALA A 56 4.96 18.05 9.29
C ALA A 56 4.96 17.19 10.54
N GLN A 57 3.78 16.97 11.14
CA GLN A 57 3.66 16.28 12.42
C GLN A 57 2.61 15.16 12.36
N PRO A 58 2.68 14.20 13.29
CA PRO A 58 1.64 13.16 13.35
C PRO A 58 0.27 13.77 13.53
N VAL A 59 -0.74 13.18 12.89
CA VAL A 59 -2.12 13.52 13.21
C VAL A 59 -2.33 13.29 14.71
N SER A 60 -2.86 14.29 15.40
CA SER A 60 -3.09 14.23 16.84
C SER A 60 -4.25 13.32 17.23
N LEU A 61 -3.98 12.33 18.08
CA LEU A 61 -5.03 11.40 18.46
C LEU A 61 -5.88 12.02 19.56
N LYS A 62 -5.46 13.18 20.06
CA LYS A 62 -6.31 13.95 20.96
C LYS A 62 -7.35 14.72 20.15
N GLU A 63 -6.91 15.33 19.05
CA GLU A 63 -7.80 16.11 18.20
C GLU A 63 -8.60 15.27 17.20
N VAL A 64 -8.06 14.09 16.86
CA VAL A 64 -8.79 13.15 16.00
C VAL A 64 -8.79 11.77 16.67
N PRO A 65 -9.63 11.60 17.72
CA PRO A 65 -9.52 10.38 18.52
C PRO A 65 -9.83 9.09 17.76
N ASP A 66 -10.59 9.15 16.67
CA ASP A 66 -10.90 7.93 15.92
C ASP A 66 -9.94 7.65 14.77
N TYR A 67 -8.82 8.38 14.70
CA TYR A 67 -7.97 8.29 13.51
C TYR A 67 -7.51 6.86 13.22
N LEU A 68 -7.18 6.11 14.27
CA LEU A 68 -6.61 4.79 14.07
C LEU A 68 -7.67 3.77 13.65
N ASP A 69 -8.94 4.12 13.76
CA ASP A 69 -10.01 3.29 13.21
C ASP A 69 -10.01 3.38 11.69
N HIS A 70 -9.52 4.50 11.18
CA HIS A 70 -9.49 4.73 9.74
C HIS A 70 -8.16 4.35 9.09
N ILE A 71 -7.08 4.80 9.72
CA ILE A 71 -5.73 4.69 9.17
C ILE A 71 -4.89 3.77 10.03
N LYS A 72 -4.45 2.65 9.45
CA LYS A 72 -3.74 1.65 10.22
C LYS A 72 -2.24 1.92 10.38
N HIS A 73 -1.66 2.70 9.48
CA HIS A 73 -0.24 3.03 9.56
C HIS A 73 0.01 4.51 9.32
N PRO A 74 -0.20 5.32 10.37
CA PRO A 74 0.02 6.77 10.27
C PRO A 74 1.46 7.11 9.93
N MET A 75 1.66 8.22 9.24
CA MET A 75 2.99 8.67 8.91
C MET A 75 2.99 10.20 8.74
N ASP A 76 4.16 10.79 8.90
CA ASP A 76 4.34 12.23 8.80
C ASP A 76 5.83 12.53 8.64
N PHE A 77 6.18 13.77 8.31
CA PHE A 77 7.59 14.08 8.04
C PHE A 77 8.47 14.01 9.30
N ALA A 78 7.93 14.37 10.46
CA ALA A 78 8.73 14.32 11.68
C ALA A 78 9.10 12.88 12.03
N THR A 79 8.15 11.98 11.85
CA THR A 79 8.38 10.58 12.11
C THR A 79 9.39 10.00 11.11
N MET A 80 9.31 10.40 9.85
CA MET A 80 10.30 9.96 8.86
C MET A 80 11.69 10.45 9.25
N ARG A 81 11.76 11.69 9.72
CA ARG A 81 13.05 12.28 10.06
C ARG A 81 13.69 11.55 11.25
N LYS A 82 12.87 11.15 12.22
CA LYS A 82 13.35 10.33 13.34
C LYS A 82 13.98 9.02 12.85
N ARG A 83 13.26 8.32 11.99
CA ARG A 83 13.78 7.07 11.44
C ARG A 83 15.04 7.31 10.62
N LEU A 84 15.04 8.38 9.84
CA LEU A 84 16.18 8.72 9.00
C LEU A 84 17.45 8.92 9.82
N GLU A 85 17.36 9.71 10.88
CA GLU A 85 18.55 10.06 11.66
C GLU A 85 19.06 8.88 12.47
N ALA A 86 18.23 7.86 12.64
CA ALA A 86 18.67 6.61 13.24
C ALA A 86 19.19 5.65 12.17
N GLN A 87 19.41 6.17 10.96
CA GLN A 87 19.80 5.36 9.81
C GLN A 87 18.88 4.14 9.61
N GLY A 88 17.57 4.37 9.73
CA GLY A 88 16.59 3.31 9.68
C GLY A 88 16.01 3.00 8.30
N TYR A 89 16.45 3.73 7.28
CA TYR A 89 16.07 3.40 5.90
C TYR A 89 17.23 2.70 5.19
N LYS A 90 17.05 1.41 4.88
CA LYS A 90 18.14 0.61 4.29
C LYS A 90 18.28 0.83 2.78
N ASN A 91 17.21 1.34 2.17
CA ASN A 91 17.21 1.60 0.74
C ASN A 91 16.17 2.68 0.41
N LEU A 92 16.14 3.14 -0.83
CA LEU A 92 15.19 4.18 -1.23
C LEU A 92 13.74 3.68 -1.19
N HIS A 93 13.53 2.42 -1.53
CA HIS A 93 12.17 1.86 -1.52
C HIS A 93 11.49 2.04 -0.16
N GLU A 94 12.22 1.75 0.91
CA GLU A 94 11.65 1.87 2.26
C GLU A 94 11.27 3.31 2.58
N PHE A 95 12.09 4.26 2.13
CA PHE A 95 11.84 5.69 2.30
C PHE A 95 10.61 6.09 1.50
N GLU A 96 10.53 5.66 0.25
CA GLU A 96 9.38 5.97 -0.59
CA GLU A 96 9.37 5.97 -0.58
C GLU A 96 8.08 5.41 -0.02
N GLU A 97 8.16 4.22 0.58
N GLU A 97 8.14 4.23 0.62
CA GLU A 97 7.00 3.60 1.21
CA GLU A 97 6.92 3.63 1.15
C GLU A 97 6.39 4.54 2.24
C GLU A 97 6.37 4.46 2.32
N ASP A 98 7.25 5.12 3.08
CA ASP A 98 6.79 6.02 4.14
C ASP A 98 6.24 7.31 3.54
N PHE A 99 6.89 7.84 2.50
CA PHE A 99 6.37 9.04 1.85
C PHE A 99 4.98 8.79 1.26
N ASP A 100 4.83 7.65 0.60
CA ASP A 100 3.53 7.31 0.04
C ASP A 100 2.45 7.15 1.11
N LEU A 101 2.81 6.69 2.32
CA LEU A 101 1.84 6.59 3.40
C LEU A 101 1.30 7.96 3.78
N ILE A 102 2.17 8.96 3.82
CA ILE A 102 1.73 10.31 4.16
C ILE A 102 0.62 10.75 3.21
N ILE A 103 0.88 10.58 1.91
CA ILE A 103 -0.05 10.98 0.85
CA ILE A 103 -0.06 11.01 0.88
C ILE A 103 -1.31 10.14 0.87
N ASP A 104 -1.12 8.83 0.87
CA ASP A 104 -2.24 7.91 0.74
C ASP A 104 -3.19 7.96 1.95
N ASN A 105 -2.64 8.10 3.16
CA ASN A 105 -3.46 8.20 4.37
C ASN A 105 -4.36 9.43 4.28
N CYS A 106 -3.77 10.53 3.84
CA CYS A 106 -4.48 11.79 3.75
C CYS A 106 -5.59 11.74 2.73
N MET A 107 -5.31 11.11 1.58
CA MET A 107 -6.32 11.06 0.53
C MET A 107 -7.45 10.07 0.85
N LYS A 108 -7.27 9.22 1.86
CA LYS A 108 -8.37 8.38 2.30
CA LYS A 108 -8.33 8.35 2.38
C LYS A 108 -9.18 9.07 3.39
N TYR A 109 -8.52 9.64 4.40
CA TYR A 109 -9.23 10.22 5.53
C TYR A 109 -10.01 11.47 5.14
N ASN A 110 -9.42 12.26 4.26
CA ASN A 110 -10.00 13.54 3.87
C ASN A 110 -10.71 13.49 2.52
N ALA A 111 -11.81 14.21 2.38
CA ALA A 111 -12.55 14.21 1.12
C ALA A 111 -11.85 15.07 0.06
N ARG A 112 -12.20 14.85 -1.20
CA ARG A 112 -11.61 15.58 -2.32
C ARG A 112 -11.69 17.10 -2.26
N ASP A 113 -12.74 17.62 -1.62
CA ASP A 113 -12.94 19.07 -1.62
C ASP A 113 -12.28 19.76 -0.42
N THR A 114 -11.27 19.13 0.17
CA THR A 114 -10.65 19.67 1.36
C THR A 114 -9.26 20.17 1.07
N VAL A 115 -8.82 21.13 1.87
CA VAL A 115 -7.47 21.67 1.72
C VAL A 115 -6.44 20.58 2.00
N PHE A 116 -6.78 19.63 2.86
CA PHE A 116 -5.87 18.52 3.18
C PHE A 116 -5.65 17.59 1.98
N TYR A 117 -6.73 17.13 1.36
CA TYR A 117 -6.62 16.23 0.21
C TYR A 117 -5.85 16.93 -0.91
N ARG A 118 -6.17 18.20 -1.14
CA ARG A 118 -5.56 18.91 -2.26
C ARG A 118 -4.08 19.12 -2.00
N ALA A 119 -3.72 19.30 -0.74
CA ALA A 119 -2.30 19.47 -0.39
C ALA A 119 -1.54 18.17 -0.66
N ALA A 120 -2.18 17.03 -0.39
CA ALA A 120 -1.55 15.75 -0.67
C ALA A 120 -1.35 15.51 -2.17
N VAL A 121 -2.33 15.92 -2.97
CA VAL A 121 -2.20 15.78 -4.42
C VAL A 121 -1.01 16.58 -4.94
N ARG A 122 -0.88 17.81 -4.45
CA ARG A 122 0.21 18.70 -4.88
C ARG A 122 1.57 18.16 -4.43
N LEU A 123 1.63 17.65 -3.20
CA LEU A 123 2.85 17.05 -2.68
C LEU A 123 3.27 15.82 -3.48
N ARG A 124 2.30 14.98 -3.83
CA ARG A 124 2.53 13.79 -4.64
CA ARG A 124 2.58 13.79 -4.63
C ARG A 124 3.10 14.17 -6.01
N ASP A 125 2.47 15.15 -6.62
CA ASP A 125 2.84 15.55 -7.99
C ASP A 125 4.24 16.15 -8.00
N GLN A 126 4.48 17.09 -7.10
CA GLN A 126 5.76 17.80 -7.04
C GLN A 126 6.88 16.90 -6.54
N GLY A 127 6.53 15.99 -5.63
CA GLY A 127 7.51 15.09 -5.05
C GLY A 127 7.98 14.01 -6.01
N GLY A 128 7.13 13.66 -6.97
CA GLY A 128 7.47 12.67 -7.97
C GLY A 128 8.73 13.05 -8.74
N VAL A 129 8.83 14.33 -9.07
CA VAL A 129 9.99 14.87 -9.78
C VAL A 129 11.28 14.62 -8.99
N VAL A 130 11.23 14.92 -7.70
CA VAL A 130 12.36 14.77 -6.79
C VAL A 130 12.78 13.31 -6.65
N LEU A 131 11.80 12.44 -6.46
CA LEU A 131 12.05 11.02 -6.28
C LEU A 131 12.55 10.36 -7.55
N ARG A 132 12.15 10.89 -8.71
CA ARG A 132 12.63 10.35 -9.98
C ARG A 132 14.14 10.47 -10.08
N GLN A 133 14.67 11.64 -9.74
CA GLN A 133 16.11 11.86 -9.87
C GLN A 133 16.85 11.18 -8.71
N ALA A 134 16.20 11.09 -7.54
CA ALA A 134 16.79 10.41 -6.40
C ALA A 134 17.08 8.94 -6.72
N ARG A 135 16.16 8.30 -7.44
CA ARG A 135 16.34 6.92 -7.85
C ARG A 135 17.55 6.79 -8.78
N ARG A 136 17.67 7.71 -9.72
CA ARG A 136 18.82 7.68 -10.62
C ARG A 136 20.13 7.83 -9.83
N GLU A 137 20.14 8.73 -8.84
CA GLU A 137 21.35 8.99 -8.06
C GLU A 137 21.73 7.82 -7.17
N VAL A 138 20.74 7.18 -6.57
CA VAL A 138 21.01 6.02 -5.71
C VAL A 138 21.62 4.91 -6.55
N ASP A 139 21.03 4.65 -7.72
CA ASP A 139 21.56 3.68 -8.67
C ASP A 139 22.96 4.05 -9.18
N SER A 140 23.11 5.30 -9.60
CA SER A 140 24.37 5.77 -10.18
C SER A 140 25.55 5.61 -9.21
N ILE A 141 25.40 6.14 -8.01
CA ILE A 141 26.46 6.09 -7.01
C ILE A 141 26.53 4.72 -6.33
N GLY A 142 25.46 3.93 -6.50
CA GLY A 142 25.40 2.59 -5.92
C GLY A 142 25.32 2.63 -4.39
N LEU A 143 24.21 3.14 -3.87
CA LEU A 143 24.10 3.39 -2.43
C LEU A 143 23.27 2.36 -1.67
N GLU A 144 22.88 1.29 -2.34
CA GLU A 144 22.04 0.27 -1.70
C GLU A 144 22.29 -1.11 -2.28
N SER B 22 10.39 -35.26 -13.19
CA SER B 22 11.25 -35.26 -12.00
C SER B 22 10.43 -34.95 -10.76
N MET B 23 10.91 -35.34 -9.58
N MET B 23 10.94 -35.38 -9.60
CA MET B 23 10.16 -35.04 -8.38
CA MET B 23 10.36 -35.03 -8.30
C MET B 23 10.20 -33.55 -8.03
C MET B 23 10.14 -33.55 -8.19
N GLU B 24 11.16 -32.81 -8.59
CA GLU B 24 11.15 -31.36 -8.46
C GLU B 24 9.98 -30.73 -9.21
N GLN B 25 9.67 -31.24 -10.39
CA GLN B 25 8.52 -30.78 -11.15
C GLN B 25 7.21 -31.12 -10.44
N VAL B 26 7.13 -32.33 -9.92
CA VAL B 26 5.97 -32.75 -9.17
C VAL B 26 5.75 -31.83 -7.98
N ALA B 27 6.81 -31.53 -7.23
CA ALA B 27 6.66 -30.66 -6.08
C ALA B 27 6.21 -29.26 -6.47
N MET B 28 6.76 -28.72 -7.55
CA MET B 28 6.38 -27.37 -7.98
C MET B 28 4.94 -27.32 -8.42
N GLU B 29 4.49 -28.35 -9.14
CA GLU B 29 3.10 -28.37 -9.57
C GLU B 29 2.16 -28.53 -8.36
N LEU B 30 2.55 -29.33 -7.37
CA LEU B 30 1.75 -29.42 -6.16
C LEU B 30 1.66 -28.08 -5.43
N ARG B 31 2.78 -27.35 -5.35
CA ARG B 31 2.75 -26.06 -4.67
C ARG B 31 1.82 -25.09 -5.42
N LEU B 32 1.86 -25.14 -6.74
CA LEU B 32 0.99 -24.30 -7.58
C LEU B 32 -0.48 -24.60 -7.33
N THR B 33 -0.84 -25.88 -7.35
CA THR B 33 -2.25 -26.22 -7.23
C THR B 33 -2.78 -25.99 -5.81
N GLU B 34 -1.93 -26.20 -4.80
CA GLU B 34 -2.34 -25.92 -3.43
C GLU B 34 -2.46 -24.43 -3.14
N LEU B 35 -1.55 -23.62 -3.69
CA LEU B 35 -1.72 -22.17 -3.59
C LEU B 35 -3.03 -21.73 -4.22
N THR B 36 -3.36 -22.29 -5.38
CA THR B 36 -4.58 -21.89 -6.08
C THR B 36 -5.80 -22.29 -5.25
N ARG B 37 -5.77 -23.49 -4.68
CA ARG B 37 -6.85 -23.94 -3.80
CA ARG B 37 -6.87 -23.94 -3.81
C ARG B 37 -7.07 -22.96 -2.65
N LEU B 38 -5.98 -22.57 -2.01
CA LEU B 38 -6.07 -21.64 -0.89
C LEU B 38 -6.62 -20.29 -1.33
N LEU B 39 -6.10 -19.75 -2.43
CA LEU B 39 -6.53 -18.41 -2.86
C LEU B 39 -7.99 -18.44 -3.30
N ARG B 40 -8.41 -19.54 -3.92
CA ARG B 40 -9.81 -19.67 -4.32
C ARG B 40 -10.73 -19.63 -3.11
N SER B 41 -10.32 -20.30 -2.03
CA SER B 41 -11.08 -20.28 -0.78
C SER B 41 -11.10 -18.89 -0.16
N VAL B 42 -9.94 -18.23 -0.16
CA VAL B 42 -9.85 -16.89 0.38
C VAL B 42 -10.77 -15.94 -0.40
N LEU B 43 -10.71 -16.01 -1.73
CA LEU B 43 -11.54 -15.13 -2.53
C LEU B 43 -13.03 -15.39 -2.31
N ASP B 44 -13.42 -16.65 -2.18
N ASP B 44 -13.41 -16.66 -2.17
CA ASP B 44 -14.81 -16.98 -1.94
CA ASP B 44 -14.81 -17.00 -1.93
C ASP B 44 -15.26 -16.44 -0.59
C ASP B 44 -15.28 -16.46 -0.59
N GLN B 45 -14.43 -16.56 0.42
CA GLN B 45 -14.73 -16.02 1.74
C GLN B 45 -14.89 -14.50 1.71
N LEU B 46 -14.04 -13.83 0.95
CA LEU B 46 -14.12 -12.37 0.88
C LEU B 46 -15.41 -11.95 0.18
N GLN B 47 -15.70 -12.55 -0.97
CA GLN B 47 -16.94 -12.19 -1.69
C GLN B 47 -18.20 -12.49 -0.90
N ASP B 48 -18.21 -13.56 -0.13
CA ASP B 48 -19.40 -13.89 0.65
CA ASP B 48 -19.37 -13.92 0.69
C ASP B 48 -19.72 -12.80 1.67
N LYS B 49 -18.74 -11.96 1.99
CA LYS B 49 -18.94 -10.86 2.94
C LYS B 49 -19.46 -9.61 2.27
N ASP B 50 -19.66 -9.67 0.96
CA ASP B 50 -20.12 -8.50 0.18
C ASP B 50 -21.42 -8.82 -0.57
N PRO B 51 -22.51 -9.12 0.17
CA PRO B 51 -23.75 -9.48 -0.52
C PRO B 51 -24.37 -8.34 -1.32
N ALA B 52 -24.02 -7.09 -1.00
CA ALA B 52 -24.51 -5.94 -1.78
C ALA B 52 -23.75 -5.80 -3.11
N ARG B 53 -22.73 -6.63 -3.29
CA ARG B 53 -21.93 -6.65 -4.52
CA ARG B 53 -21.93 -6.64 -4.52
C ARG B 53 -21.29 -5.30 -4.83
N ILE B 54 -20.91 -4.56 -3.79
CA ILE B 54 -20.25 -3.27 -3.95
C ILE B 54 -18.91 -3.43 -4.68
N PHE B 55 -18.21 -4.53 -4.39
CA PHE B 55 -16.85 -4.76 -4.92
C PHE B 55 -16.80 -5.89 -5.95
N ALA B 56 -17.97 -6.33 -6.40
CA ALA B 56 -18.04 -7.54 -7.23
C ALA B 56 -17.54 -7.35 -8.66
N GLN B 57 -17.79 -6.18 -9.23
CA GLN B 57 -17.49 -5.88 -10.63
C GLN B 57 -16.77 -4.55 -10.75
N PRO B 58 -16.10 -4.32 -11.89
CA PRO B 58 -15.47 -3.01 -12.07
C PRO B 58 -16.48 -1.88 -11.96
N VAL B 59 -16.05 -0.77 -11.38
CA VAL B 59 -16.89 0.41 -11.29
C VAL B 59 -17.28 0.83 -12.70
N SER B 60 -18.55 1.16 -12.88
CA SER B 60 -19.08 1.55 -14.18
C SER B 60 -18.82 3.02 -14.48
N LEU B 61 -18.12 3.28 -15.57
CA LEU B 61 -17.83 4.65 -15.98
C LEU B 61 -19.10 5.35 -16.45
N LYS B 62 -20.10 4.59 -16.87
CA LYS B 62 -21.40 5.16 -17.20
C LYS B 62 -22.08 5.71 -15.94
N GLU B 63 -22.03 4.93 -14.86
CA GLU B 63 -22.61 5.35 -13.58
C GLU B 63 -21.72 6.37 -12.85
N VAL B 64 -20.40 6.23 -12.99
CA VAL B 64 -19.46 7.06 -12.24
C VAL B 64 -18.43 7.67 -13.19
N PRO B 65 -18.84 8.69 -13.97
CA PRO B 65 -17.95 9.12 -15.05
C PRO B 65 -16.63 9.76 -14.61
N ASP B 66 -16.50 10.21 -13.37
CA ASP B 66 -15.25 10.81 -12.94
C ASP B 66 -14.32 9.81 -12.24
N TYR B 67 -14.65 8.53 -12.28
CA TYR B 67 -13.89 7.56 -11.44
C TYR B 67 -12.39 7.54 -11.77
N LEU B 68 -12.06 7.54 -13.06
CA LEU B 68 -10.66 7.45 -13.46
C LEU B 68 -9.93 8.78 -13.38
N ASP B 69 -10.65 9.86 -13.14
CA ASP B 69 -10.00 11.14 -12.80
C ASP B 69 -9.18 10.93 -11.54
N HIS B 70 -9.65 10.04 -10.67
CA HIS B 70 -9.08 9.91 -9.34
C HIS B 70 -8.42 8.58 -9.03
N ILE B 71 -8.92 7.50 -9.62
CA ILE B 71 -8.39 6.17 -9.32
C ILE B 71 -7.53 5.68 -10.48
N LYS B 72 -6.24 5.50 -10.21
CA LYS B 72 -5.28 5.14 -11.26
C LYS B 72 -5.34 3.65 -11.64
N HIS B 73 -5.62 2.80 -10.67
CA HIS B 73 -5.66 1.35 -10.91
C HIS B 73 -6.88 0.69 -10.29
N PRO B 74 -8.00 0.68 -11.03
CA PRO B 74 -9.24 0.04 -10.58
C PRO B 74 -9.05 -1.45 -10.28
N MET B 75 -9.75 -1.96 -9.29
CA MET B 75 -9.75 -3.39 -9.02
C MET B 75 -11.10 -3.80 -8.42
N ASP B 76 -11.42 -5.09 -8.55
CA ASP B 76 -12.68 -5.64 -8.13
C ASP B 76 -12.55 -7.15 -8.06
N PHE B 77 -13.52 -7.80 -7.43
CA PHE B 77 -13.41 -9.24 -7.17
C PHE B 77 -13.45 -10.07 -8.46
N ALA B 78 -14.23 -9.65 -9.45
CA ALA B 78 -14.32 -10.41 -10.70
C ALA B 78 -12.98 -10.41 -11.43
N THR B 79 -12.30 -9.27 -11.41
CA THR B 79 -11.00 -9.12 -12.04
C THR B 79 -9.98 -9.98 -11.29
N MET B 80 -10.09 -10.03 -9.97
CA MET B 80 -9.21 -10.90 -9.18
C MET B 80 -9.45 -12.37 -9.51
N ARG B 81 -10.72 -12.74 -9.66
CA ARG B 81 -11.03 -14.15 -9.96
C ARG B 81 -10.46 -14.55 -11.33
N LYS B 82 -10.56 -13.64 -12.30
CA LYS B 82 -9.99 -13.88 -13.63
C LYS B 82 -8.48 -14.10 -13.55
N ARG B 83 -7.81 -13.26 -12.79
CA ARG B 83 -6.36 -13.38 -12.62
C ARG B 83 -6.01 -14.70 -11.92
N LEU B 84 -6.76 -15.03 -10.88
CA LEU B 84 -6.55 -16.27 -10.13
C LEU B 84 -6.68 -17.50 -11.02
N GLU B 85 -7.78 -17.61 -11.74
CA GLU B 85 -8.06 -18.83 -12.48
C GLU B 85 -7.17 -18.95 -13.71
N ALA B 86 -6.56 -17.85 -14.11
CA ALA B 86 -5.64 -17.84 -15.25
C ALA B 86 -4.20 -18.11 -14.81
N GLN B 87 -4.01 -18.48 -13.55
CA GLN B 87 -2.68 -18.74 -12.97
C GLN B 87 -1.81 -17.48 -12.88
N GLY B 88 -2.43 -16.33 -12.63
CA GLY B 88 -1.75 -15.06 -12.61
C GLY B 88 -1.25 -14.56 -11.25
N TYR B 89 -1.55 -15.32 -10.20
CA TYR B 89 -1.01 -14.99 -8.87
C TYR B 89 0.12 -15.97 -8.55
N LYS B 90 1.33 -15.44 -8.45
CA LYS B 90 2.52 -16.26 -8.17
C LYS B 90 2.66 -16.61 -6.69
N ASN B 91 2.10 -15.75 -5.84
CA ASN B 91 2.16 -15.95 -4.39
C ASN B 91 1.03 -15.21 -3.69
N LEU B 92 0.92 -15.40 -2.38
CA LEU B 92 -0.16 -14.77 -1.61
C LEU B 92 -0.04 -13.26 -1.60
N HIS B 93 1.20 -12.75 -1.55
CA HIS B 93 1.38 -11.30 -1.51
C HIS B 93 0.77 -10.61 -2.73
N GLU B 94 0.93 -11.18 -3.92
CA GLU B 94 0.33 -10.59 -5.13
C GLU B 94 -1.19 -10.49 -5.02
N PHE B 95 -1.79 -11.51 -4.43
CA PHE B 95 -3.24 -11.55 -4.19
C PHE B 95 -3.60 -10.46 -3.18
N GLU B 96 -2.84 -10.39 -2.09
CA GLU B 96 -3.03 -9.36 -1.06
CA GLU B 96 -3.05 -9.37 -1.06
C GLU B 96 -2.99 -7.95 -1.63
N GLU B 97 -2.03 -7.70 -2.53
CA GLU B 97 -1.92 -6.37 -3.14
C GLU B 97 -3.16 -5.97 -3.93
N ASP B 98 -3.76 -6.92 -4.63
CA ASP B 98 -4.99 -6.61 -5.39
C ASP B 98 -6.17 -6.37 -4.43
N PHE B 99 -6.25 -7.14 -3.35
CA PHE B 99 -7.30 -6.91 -2.35
C PHE B 99 -7.14 -5.51 -1.74
N ASP B 100 -5.91 -5.15 -1.41
CA ASP B 100 -5.68 -3.82 -0.87
C ASP B 100 -6.07 -2.72 -1.87
N LEU B 101 -5.92 -2.98 -3.17
CA LEU B 101 -6.34 -1.99 -4.18
C LEU B 101 -7.82 -1.74 -4.07
N ILE B 102 -8.57 -2.83 -3.96
CA ILE B 102 -10.03 -2.71 -3.84
C ILE B 102 -10.40 -1.80 -2.68
N ILE B 103 -9.80 -2.07 -1.52
CA ILE B 103 -10.09 -1.34 -0.30
C ILE B 103 -9.61 0.12 -0.39
N ASP B 104 -8.37 0.28 -0.84
CA ASP B 104 -7.78 1.61 -0.87
C ASP B 104 -8.49 2.51 -1.87
N ASN B 105 -8.84 1.96 -3.05
CA ASN B 105 -9.53 2.77 -4.07
C ASN B 105 -10.86 3.29 -3.52
N CYS B 106 -11.55 2.43 -2.80
CA CYS B 106 -12.87 2.77 -2.26
C CYS B 106 -12.75 3.82 -1.16
N MET B 107 -11.75 3.67 -0.28
CA MET B 107 -11.54 4.67 0.78
C MET B 107 -11.04 6.00 0.23
N LYS B 108 -10.35 5.97 -0.91
CA LYS B 108 -9.88 7.21 -1.55
CA LYS B 108 -9.89 7.21 -1.54
C LYS B 108 -11.01 7.93 -2.28
N TYR B 109 -11.80 7.16 -3.03
CA TYR B 109 -12.86 7.76 -3.84
C TYR B 109 -14.04 8.28 -3.01
N ASN B 110 -14.39 7.56 -1.95
CA ASN B 110 -15.56 7.92 -1.16
C ASN B 110 -15.19 8.69 0.11
N ALA B 111 -16.03 9.66 0.47
CA ALA B 111 -15.83 10.37 1.73
C ALA B 111 -16.02 9.44 2.94
N ARG B 112 -15.38 9.76 4.07
CA ARG B 112 -15.38 8.79 5.17
C ARG B 112 -16.77 8.58 5.79
N ASP B 113 -17.62 9.60 5.76
CA ASP B 113 -18.95 9.45 6.33
C ASP B 113 -19.92 9.02 5.23
N THR B 114 -19.67 7.85 4.65
CA THR B 114 -20.54 7.27 3.62
C THR B 114 -20.67 5.77 3.81
N VAL B 115 -21.72 5.19 3.25
CA VAL B 115 -21.97 3.76 3.36
C VAL B 115 -20.87 2.96 2.65
N PHE B 116 -20.46 3.40 1.46
CA PHE B 116 -19.44 2.64 0.72
C PHE B 116 -18.08 2.70 1.41
N TYR B 117 -17.71 3.85 1.98
CA TYR B 117 -16.44 3.93 2.70
C TYR B 117 -16.48 2.99 3.91
N ARG B 118 -17.59 2.99 4.65
CA ARG B 118 -17.68 2.11 5.80
C ARG B 118 -17.67 0.63 5.37
N ALA B 119 -18.22 0.34 4.19
CA ALA B 119 -18.17 -1.04 3.67
C ALA B 119 -16.72 -1.47 3.44
N ALA B 120 -15.90 -0.57 2.91
CA ALA B 120 -14.48 -0.89 2.67
C ALA B 120 -13.75 -1.11 3.99
N VAL B 121 -14.06 -0.28 4.98
CA VAL B 121 -13.44 -0.44 6.30
C VAL B 121 -13.83 -1.78 6.93
N ARG B 122 -15.10 -2.15 6.77
CA ARG B 122 -15.61 -3.44 7.25
C ARG B 122 -14.90 -4.61 6.56
N LEU B 123 -14.83 -4.57 5.23
CA LEU B 123 -14.19 -5.64 4.47
C LEU B 123 -12.68 -5.67 4.73
N ARG B 124 -12.09 -4.51 4.98
CA ARG B 124 -10.67 -4.48 5.32
C ARG B 124 -10.38 -5.24 6.61
N ASP B 125 -11.23 -5.02 7.63
N ASP B 125 -11.24 -5.08 7.62
CA ASP B 125 -11.09 -5.71 8.93
CA ASP B 125 -10.96 -5.68 8.91
C ASP B 125 -11.24 -7.20 8.74
C ASP B 125 -11.36 -7.17 8.95
N GLN B 126 -12.36 -7.56 8.14
CA GLN B 126 -12.68 -8.97 7.98
C GLN B 126 -11.65 -9.64 7.09
N GLY B 127 -11.28 -8.97 6.02
CA GLY B 127 -10.34 -9.52 5.05
C GLY B 127 -8.96 -9.67 5.63
N GLY B 128 -8.57 -8.73 6.48
CA GLY B 128 -7.28 -8.79 7.15
C GLY B 128 -7.13 -10.08 7.95
N VAL B 129 -8.20 -10.46 8.64
CA VAL B 129 -8.18 -11.68 9.43
C VAL B 129 -8.06 -12.91 8.53
N VAL B 130 -8.86 -12.94 7.47
CA VAL B 130 -8.81 -14.05 6.51
C VAL B 130 -7.41 -14.19 5.91
N LEU B 131 -6.80 -13.05 5.56
CA LEU B 131 -5.49 -13.07 4.89
C LEU B 131 -4.38 -13.45 5.87
N ARG B 132 -4.49 -13.06 7.13
CA ARG B 132 -3.49 -13.50 8.11
C ARG B 132 -3.57 -15.01 8.33
N GLN B 133 -4.78 -15.56 8.31
CA GLN B 133 -4.96 -17.00 8.42
C GLN B 133 -4.41 -17.68 7.16
N ALA B 134 -4.64 -17.07 6.00
CA ALA B 134 -4.07 -17.61 4.78
C ALA B 134 -2.54 -17.67 4.84
N ARG B 135 -1.91 -16.67 5.46
CA ARG B 135 -0.45 -16.66 5.60
C ARG B 135 0.03 -17.80 6.49
N ARG B 136 -0.68 -18.03 7.59
CA ARG B 136 -0.42 -19.20 8.44
C ARG B 136 -0.52 -20.50 7.65
N GLU B 137 -1.52 -20.60 6.76
CA GLU B 137 -1.68 -21.79 5.93
C GLU B 137 -0.56 -21.93 4.90
N VAL B 138 -0.14 -20.81 4.30
CA VAL B 138 1.00 -20.83 3.39
C VAL B 138 2.21 -21.41 4.10
N ASP B 139 2.43 -20.99 5.34
CA ASP B 139 3.57 -21.48 6.11
C ASP B 139 3.43 -22.96 6.50
N SER B 140 2.23 -23.35 6.90
CA SER B 140 1.98 -24.72 7.34
C SER B 140 2.05 -25.71 6.18
N ILE B 141 1.53 -25.32 5.03
CA ILE B 141 1.50 -26.21 3.85
C ILE B 141 2.86 -26.24 3.16
N GLY B 142 3.64 -25.18 3.34
CA GLY B 142 4.96 -25.06 2.74
C GLY B 142 4.95 -24.51 1.32
N LEU B 143 4.09 -23.54 1.07
CA LEU B 143 3.87 -23.05 -0.30
C LEU B 143 4.93 -22.06 -0.77
N GLU B 144 5.76 -21.59 0.15
CA GLU B 144 6.86 -20.70 -0.24
C GLU B 144 8.24 -21.27 0.12
#